data_5HQJ
#
_entry.id   5HQJ
#
_cell.length_a   61.094
_cell.length_b   37.403
_cell.length_c   62.429
_cell.angle_alpha   90.000
_cell.angle_beta   113.610
_cell.angle_gamma   90.000
#
_symmetry.space_group_name_H-M   'P 1 21 1'
#
loop_
_entity.id
_entity.type
_entity.pdbx_description
1 polymer 'Periplasmic binding protein/LacI transcriptional regulator'
2 non-polymer alpha-D-arabinopyranose
3 non-polymer 'CHLORIDE ION'
4 water water
#
_entity_poly.entity_id   1
_entity_poly.type   'polypeptide(L)'
_entity_poly.pdbx_seq_one_letter_code
;(MSE)HHHHHHSSGVDLGTENLYFQS(MSE)KDAKDISVAVIPKVAVPFFDDCNKGAKTAADKAGVKYQWVVPQNTQGST
QVQIIEDLISRHVDGIAISVNEPKSVESV(MSE)KRAEQSGIKVLTYDSDSPKSGRS(MSE)YIGTNNEQAGAT(MSE)A
ET(MSE)GKALNGQGEVAIITGQLGAVNLNERIAGIKKGLAKYPGIKVVETQGTDDDLARGVSVVETTLRAHPNLKGIFG
VSQVGGPAVAKVLNTREFGA(MSE)KGKLEVLAFDDLPDTLKGLKDGYIQGI(MSE)VQRPVT(MSE)GSLAVDHLVAQI
QGQEGQPKDIDTGVTVVTKDN(MSE)TSYTK
;
_entity_poly.pdbx_strand_id   A
#
loop_
_chem_comp.id
_chem_comp.type
_chem_comp.name
_chem_comp.formula
64K D-saccharide, alpha linking alpha-D-arabinopyranose 'C5 H10 O5'
CL non-polymer 'CHLORIDE ION' 'Cl -1'
#
# COMPACT_ATOMS: atom_id res chain seq x y z
N MSE A 23 -34.00 6.08 -4.62
CA MSE A 23 -32.83 6.90 -4.27
C MSE A 23 -32.83 7.27 -2.78
O MSE A 23 -33.67 8.05 -2.34
CB MSE A 23 -32.79 8.16 -5.15
CG MSE A 23 -31.62 9.11 -4.84
SE MSE A 23 -31.20 10.44 -6.21
CE MSE A 23 -30.86 9.28 -7.73
HA MSE A 23 -32.03 6.39 -4.47
HB2 MSE A 23 -32.73 7.90 -6.08
HB3 MSE A 23 -33.62 8.66 -5.01
HG2 MSE A 23 -31.82 9.59 -4.03
HG3 MSE A 23 -30.83 8.57 -4.71
HE1 MSE A 23 -30.64 9.83 -8.50
HE2 MSE A 23 -30.13 8.69 -7.53
HE3 MSE A 23 -31.67 8.77 -7.92
N LYS A 24 -31.89 6.70 -2.03
CA LYS A 24 -31.82 6.91 -0.57
C LYS A 24 -31.56 8.37 -0.22
N ASP A 25 -32.16 8.85 0.86
CA ASP A 25 -31.79 10.17 1.35
C ASP A 25 -30.40 10.06 1.98
N ALA A 26 -29.53 11.01 1.66
CA ALA A 26 -28.13 10.95 2.05
C ALA A 26 -27.94 10.48 3.49
N LYS A 27 -28.74 11.04 4.39
CA LYS A 27 -28.60 10.73 5.81
C LYS A 27 -28.96 9.28 6.12
N ASP A 28 -29.75 8.66 5.26
CA ASP A 28 -30.09 7.24 5.41
C ASP A 28 -29.05 6.31 4.78
N ILE A 29 -28.09 6.90 4.06
CA ILE A 29 -27.04 6.12 3.43
C ILE A 29 -25.96 5.79 4.43
N SER A 30 -25.54 4.54 4.40
CA SER A 30 -24.56 4.02 5.32
C SER A 30 -23.46 3.34 4.51
N VAL A 31 -22.22 3.79 4.74
CA VAL A 31 -21.04 3.22 4.08
C VAL A 31 -19.98 2.87 5.10
N ALA A 32 -19.24 1.83 4.79
CA ALA A 32 -18.21 1.31 5.64
C ALA A 32 -16.91 1.17 4.84
N VAL A 33 -15.80 1.58 5.44
CA VAL A 33 -14.49 1.44 4.82
C VAL A 33 -13.56 0.66 5.72
N ILE A 34 -12.87 -0.32 5.12
CA ILE A 34 -12.09 -1.33 5.85
C ILE A 34 -10.65 -1.27 5.41
N PRO A 35 -9.74 -0.93 6.32
CA PRO A 35 -8.32 -1.07 5.98
C PRO A 35 -7.84 -2.50 6.13
N LYS A 36 -6.57 -2.75 5.82
CA LYS A 36 -6.02 -4.09 6.03
C LYS A 36 -5.95 -4.36 7.54
N VAL A 37 -5.74 -3.28 8.30
CA VAL A 37 -5.61 -3.32 9.76
C VAL A 37 -5.29 -1.92 10.22
N ALA A 38 -5.28 -1.68 11.53
CA ALA A 38 -4.86 -0.39 12.06
C ALA A 38 -3.37 -0.21 11.96
N VAL A 39 -2.89 0.10 10.76
CA VAL A 39 -1.50 0.45 10.50
C VAL A 39 -1.40 1.85 9.86
N PRO A 40 -0.25 2.51 9.98
CA PRO A 40 -0.08 3.94 9.74
C PRO A 40 -0.56 4.39 8.41
N PHE A 41 -0.25 3.67 7.36
CA PHE A 41 -0.69 4.08 6.03
C PHE A 41 -2.19 4.42 5.93
N PHE A 42 -3.04 3.65 6.59
CA PHE A 42 -4.47 3.77 6.36
C PHE A 42 -5.15 4.94 7.04
N ASP A 43 -4.43 5.60 7.95
CA ASP A 43 -4.95 6.81 8.57
C ASP A 43 -5.32 7.79 7.48
N ASP A 44 -4.52 7.88 6.42
CA ASP A 44 -4.83 8.81 5.32
C ASP A 44 -6.09 8.38 4.57
N CYS A 45 -6.27 7.07 4.40
CA CYS A 45 -7.46 6.58 3.72
C CYS A 45 -8.72 6.91 4.50
N ASN A 46 -8.65 6.70 5.81
CA ASN A 46 -9.69 7.13 6.73
C ASN A 46 -9.96 8.62 6.58
N LYS A 47 -8.93 9.46 6.67
CA LYS A 47 -9.12 10.91 6.50
C LYS A 47 -9.88 11.29 5.22
N GLY A 48 -9.46 10.72 4.09
CA GLY A 48 -10.06 11.06 2.81
C GLY A 48 -11.48 10.52 2.74
N ALA A 49 -11.71 9.31 3.26
CA ALA A 49 -13.07 8.76 3.23
C ALA A 49 -14.01 9.57 4.14
N LYS A 50 -13.54 9.93 5.32
CA LYS A 50 -14.34 10.64 6.30
C LYS A 50 -14.69 12.01 5.74
N THR A 51 -13.71 12.69 5.15
CA THR A 51 -13.96 13.98 4.47
C THR A 51 -15.06 13.85 3.38
N ALA A 52 -14.96 12.84 2.54
CA ALA A 52 -15.93 12.70 1.45
C ALA A 52 -17.31 12.34 1.99
N ALA A 53 -17.36 11.49 3.01
CA ALA A 53 -18.65 11.10 3.60
C ALA A 53 -19.33 12.30 4.23
N ASP A 54 -18.57 13.14 4.93
CA ASP A 54 -19.12 14.33 5.57
C ASP A 54 -19.65 15.27 4.50
N LYS A 55 -18.88 15.42 3.43
CA LYS A 55 -19.31 16.24 2.30
C LYS A 55 -20.65 15.71 1.80
N ALA A 56 -20.76 14.39 1.71
CA ALA A 56 -21.92 13.77 1.08
C ALA A 56 -23.10 13.75 2.04
N GLY A 57 -22.82 13.97 3.32
CA GLY A 57 -23.86 13.87 4.33
C GLY A 57 -24.33 12.47 4.67
N VAL A 58 -23.49 11.47 4.45
CA VAL A 58 -23.87 10.08 4.73
C VAL A 58 -23.26 9.60 6.03
N LYS A 59 -23.82 8.53 6.57
CA LYS A 59 -23.27 7.82 7.71
C LYS A 59 -22.03 7.07 7.25
N TYR A 60 -20.97 7.14 8.05
CA TYR A 60 -19.70 6.58 7.71
C TYR A 60 -19.14 5.79 8.90
N GLN A 61 -18.64 4.58 8.66
CA GLN A 61 -17.81 3.89 9.64
C GLN A 61 -16.51 3.34 9.06
N TRP A 62 -15.50 3.44 9.90
CA TRP A 62 -14.19 2.87 9.68
C TRP A 62 -14.09 1.61 10.52
N VAL A 63 -13.97 0.46 9.85
CA VAL A 63 -13.98 -0.85 10.52
C VAL A 63 -12.64 -1.55 10.38
N VAL A 64 -11.97 -1.74 11.51
CA VAL A 64 -10.58 -2.16 11.49
C VAL A 64 -10.37 -3.63 11.85
N PRO A 65 -9.71 -4.40 10.96
CA PRO A 65 -9.29 -5.75 11.35
C PRO A 65 -8.25 -5.75 12.49
N GLN A 66 -8.11 -6.87 13.22
CA GLN A 66 -7.16 -6.96 14.33
C GLN A 66 -5.84 -7.58 13.89
N ASN A 67 -5.90 -8.33 12.80
CA ASN A 67 -4.71 -8.94 12.20
C ASN A 67 -4.92 -9.09 10.69
N THR A 68 -3.88 -9.54 10.01
CA THR A 68 -3.84 -9.50 8.55
C THR A 68 -4.37 -10.79 7.90
N GLN A 69 -5.15 -11.61 8.61
CA GLN A 69 -5.28 -13.01 8.17
C GLN A 69 -6.31 -13.32 7.06
N GLY A 70 -7.56 -12.89 7.19
CA GLY A 70 -8.54 -13.14 6.15
C GLY A 70 -9.91 -13.49 6.67
N SER A 71 -9.97 -14.49 7.54
CA SER A 71 -11.18 -14.79 8.27
C SER A 71 -11.68 -13.54 8.99
N THR A 72 -10.76 -12.70 9.44
CA THR A 72 -11.12 -11.52 10.21
C THR A 72 -11.94 -10.53 9.36
N GLN A 73 -11.61 -10.42 8.08
CA GLN A 73 -12.34 -9.49 7.20
C GLN A 73 -13.65 -10.10 6.70
N VAL A 74 -13.74 -11.43 6.64
CA VAL A 74 -15.03 -12.05 6.30
C VAL A 74 -16.06 -11.74 7.39
N GLN A 75 -15.66 -11.89 8.66
CA GLN A 75 -16.59 -11.62 9.76
C GLN A 75 -17.13 -10.20 9.68
N ILE A 76 -16.26 -9.24 9.35
CA ILE A 76 -16.68 -7.85 9.27
C ILE A 76 -17.74 -7.63 8.19
N ILE A 77 -17.56 -8.25 7.04
CA ILE A 77 -18.51 -8.07 5.95
C ILE A 77 -19.86 -8.71 6.29
N GLU A 78 -19.88 -9.84 7.00
CA GLU A 78 -21.16 -10.45 7.38
C GLU A 78 -21.97 -9.54 8.30
N ASP A 79 -21.31 -8.92 9.28
CA ASP A 79 -21.96 -7.93 10.14
C ASP A 79 -22.58 -6.83 9.31
N LEU A 80 -21.82 -6.33 8.34
CA LEU A 80 -22.27 -5.25 7.50
C LEU A 80 -23.46 -5.69 6.66
N ILE A 81 -23.43 -6.93 6.19
CA ILE A 81 -24.61 -7.49 5.50
C ILE A 81 -25.78 -7.42 6.47
N SER A 82 -25.54 -7.92 7.68
CA SER A 82 -26.54 -8.00 8.73
C SER A 82 -27.23 -6.67 8.99
N ARG A 83 -26.47 -5.59 8.86
CA ARG A 83 -26.95 -4.27 9.23
C ARG A 83 -27.59 -3.54 8.07
N HIS A 84 -27.68 -4.22 6.92
CA HIS A 84 -28.26 -3.64 5.73
C HIS A 84 -27.55 -2.33 5.38
N VAL A 85 -26.24 -2.29 5.57
CA VAL A 85 -25.49 -1.09 5.17
C VAL A 85 -25.45 -1.09 3.65
N ASP A 86 -25.22 0.08 3.10
CA ASP A 86 -25.46 0.30 1.69
C ASP A 86 -24.21 0.09 0.83
N GLY A 87 -23.04 0.33 1.42
CA GLY A 87 -21.79 0.28 0.70
C GLY A 87 -20.61 -0.15 1.53
N ILE A 88 -19.71 -0.90 0.91
CA ILE A 88 -18.49 -1.38 1.54
C ILE A 88 -17.30 -1.16 0.60
N ALA A 89 -16.29 -0.48 1.12
CA ALA A 89 -15.00 -0.37 0.44
C ALA A 89 -13.96 -1.05 1.32
N ILE A 90 -13.15 -1.90 0.69
CA ILE A 90 -12.19 -2.68 1.42
C ILE A 90 -10.84 -2.75 0.71
N SER A 91 -9.79 -2.61 1.51
CA SER A 91 -8.44 -3.03 1.13
C SER A 91 -8.17 -4.46 1.63
N VAL A 92 -7.89 -5.38 0.71
CA VAL A 92 -7.86 -6.83 1.01
C VAL A 92 -6.47 -7.38 1.34
N ASN A 93 -6.38 -8.08 2.46
CA ASN A 93 -5.10 -8.66 2.84
C ASN A 93 -4.72 -9.85 1.98
N GLU A 94 -5.69 -10.70 1.70
CA GLU A 94 -5.50 -11.88 0.87
C GLU A 94 -6.78 -12.13 0.02
N PRO A 95 -6.64 -12.10 -1.32
CA PRO A 95 -7.78 -11.94 -2.22
C PRO A 95 -8.76 -13.11 -2.24
N LYS A 96 -8.23 -14.34 -2.15
CA LYS A 96 -9.11 -15.50 -2.30
C LYS A 96 -10.00 -15.58 -1.07
N SER A 97 -9.45 -15.30 0.11
CA SER A 97 -10.17 -15.44 1.36
C SER A 97 -11.57 -14.81 1.36
N VAL A 98 -11.69 -13.69 0.68
CA VAL A 98 -12.83 -12.81 0.86
C VAL A 98 -13.81 -12.85 -0.33
N GLU A 99 -13.50 -13.65 -1.35
CA GLU A 99 -14.31 -13.67 -2.56
C GLU A 99 -15.76 -14.06 -2.28
N SER A 100 -15.96 -15.07 -1.42
CA SER A 100 -17.28 -15.63 -1.22
C SER A 100 -18.26 -14.69 -0.52
N VAL A 101 -17.83 -14.07 0.57
CA VAL A 101 -18.71 -13.20 1.34
C VAL A 101 -18.97 -11.88 0.60
N MSE A 102 -18.03 -11.46 -0.23
CA MSE A 102 -18.23 -10.22 -0.99
C MSE A 102 -19.29 -10.39 -2.07
O MSE A 102 -20.04 -9.46 -2.37
CB MSE A 102 -16.91 -9.75 -1.61
CG MSE A 102 -15.97 -9.19 -0.55
SE MSE A 102 -14.22 -8.60 -1.17
CE MSE A 102 -14.85 -7.10 -2.27
H MSE A 102 -17.27 -11.86 -0.37
HA MSE A 102 -18.53 -9.53 -0.38
HB2 MSE A 102 -16.46 -10.50 -2.04
HB3 MSE A 102 -17.09 -9.05 -2.26
HG2 MSE A 102 -16.39 -8.42 -0.13
HG3 MSE A 102 -15.82 -9.87 0.13
HE1 MSE A 102 -14.08 -6.67 -2.67
HE2 MSE A 102 -15.45 -7.44 -2.95
HE3 MSE A 102 -15.31 -6.47 -1.70
N LYS A 103 -19.38 -11.59 -2.62
CA LYS A 103 -20.44 -11.90 -3.57
C LYS A 103 -21.82 -11.90 -2.93
N ARG A 104 -21.95 -12.42 -1.72
CA ARG A 104 -23.26 -12.43 -1.05
C ARG A 104 -23.74 -11.02 -0.75
N ALA A 105 -22.83 -10.18 -0.24
CA ALA A 105 -23.11 -8.78 0.01
C ALA A 105 -23.75 -8.11 -1.19
N GLU A 106 -23.14 -8.34 -2.35
CA GLU A 106 -23.66 -7.85 -3.61
C GLU A 106 -25.06 -8.42 -3.97
N GLN A 107 -25.36 -9.67 -3.61
CA GLN A 107 -26.69 -10.26 -3.86
C GLN A 107 -27.70 -9.81 -2.83
N SER A 108 -27.23 -9.01 -1.88
CA SER A 108 -28.11 -8.39 -0.90
C SER A 108 -28.34 -6.94 -1.27
N GLY A 109 -27.81 -6.54 -2.43
CA GLY A 109 -27.89 -5.17 -2.90
C GLY A 109 -26.77 -4.24 -2.46
N ILE A 110 -25.84 -4.73 -1.63
CA ILE A 110 -24.75 -3.88 -1.11
C ILE A 110 -23.76 -3.63 -2.24
N LYS A 111 -23.37 -2.37 -2.39
CA LYS A 111 -22.36 -2.01 -3.38
C LYS A 111 -21.00 -2.25 -2.78
N VAL A 112 -20.13 -2.88 -3.56
CA VAL A 112 -18.84 -3.29 -3.03
C VAL A 112 -17.74 -2.88 -4.00
N LEU A 113 -16.71 -2.26 -3.47
CA LEU A 113 -15.53 -2.00 -4.26
C LEU A 113 -14.28 -2.17 -3.42
N THR A 114 -13.13 -2.23 -4.10
CA THR A 114 -11.85 -2.32 -3.41
C THR A 114 -11.02 -1.08 -3.64
N TYR A 115 -10.07 -0.87 -2.73
CA TYR A 115 -9.08 0.25 -2.84
C TYR A 115 -7.77 -0.27 -2.28
N ASP A 116 -6.66 0.27 -2.80
CA ASP A 116 -5.30 -0.02 -2.36
C ASP A 116 -4.80 -1.41 -2.69
N SER A 117 -5.53 -2.43 -2.21
CA SER A 117 -5.20 -3.83 -2.47
C SER A 117 -6.44 -4.60 -2.90
N ASP A 118 -6.40 -5.05 -4.15
CA ASP A 118 -7.56 -5.64 -4.82
C ASP A 118 -7.81 -7.12 -4.49
N SER A 119 -9.06 -7.53 -4.67
CA SER A 119 -9.47 -8.94 -4.81
C SER A 119 -10.25 -9.09 -6.12
N PRO A 120 -9.55 -9.39 -7.23
CA PRO A 120 -10.16 -9.29 -8.57
C PRO A 120 -11.34 -10.23 -8.86
N LYS A 121 -11.49 -11.32 -8.12
CA LYS A 121 -12.56 -12.28 -8.40
C LYS A 121 -13.71 -12.23 -7.39
N SER A 122 -13.73 -11.21 -6.55
CA SER A 122 -14.79 -11.01 -5.56
C SER A 122 -16.10 -10.47 -6.15
N GLY A 123 -16.06 -10.03 -7.40
CA GLY A 123 -17.22 -9.43 -8.03
C GLY A 123 -17.36 -7.97 -7.70
N ARG A 124 -16.34 -7.41 -7.05
CA ARG A 124 -16.35 -6.00 -6.69
C ARG A 124 -16.55 -5.16 -7.96
N SER A 125 -17.19 -4.01 -7.80
CA SER A 125 -17.55 -3.16 -8.93
C SER A 125 -16.31 -2.60 -9.61
N MSE A 126 -15.31 -2.30 -8.80
CA MSE A 126 -14.16 -1.58 -9.29
C MSE A 126 -13.07 -1.53 -8.23
O MSE A 126 -13.34 -1.74 -7.04
CB MSE A 126 -14.55 -0.16 -9.69
CG MSE A 126 -15.00 0.69 -8.55
SE MSE A 126 -15.66 2.46 -9.07
CE MSE A 126 -13.94 3.37 -9.27
H MSE A 126 -15.27 -2.51 -7.97
HA MSE A 126 -13.81 -2.03 -10.08
HB2 MSE A 126 -13.78 0.27 -10.10
HB3 MSE A 126 -15.28 -0.21 -10.33
HG2 MSE A 126 -15.73 0.23 -8.09
HG3 MSE A 126 -14.26 0.82 -7.95
HE1 MSE A 126 -14.10 4.29 -9.52
HE2 MSE A 126 -13.48 3.34 -8.41
HE3 MSE A 126 -13.42 2.92 -9.94
N TYR A 127 -11.85 -1.28 -8.70
CA TYR A 127 -10.65 -1.07 -7.89
C TYR A 127 -10.13 0.34 -8.04
N ILE A 128 -9.90 0.97 -6.88
CA ILE A 128 -9.28 2.25 -6.82
C ILE A 128 -7.91 2.14 -6.16
N GLY A 129 -6.85 2.39 -6.90
CA GLY A 129 -5.55 2.32 -6.29
C GLY A 129 -4.38 2.50 -7.23
N THR A 130 -3.21 2.19 -6.70
CA THR A 130 -1.95 2.25 -7.43
C THR A 130 -1.90 1.15 -8.47
N ASN A 131 -1.18 1.43 -9.57
CA ASN A 131 -0.78 0.39 -10.51
C ASN A 131 0.48 -0.19 -9.96
N ASN A 132 0.33 -1.27 -9.22
CA ASN A 132 1.42 -1.69 -8.35
C ASN A 132 2.55 -2.35 -9.09
N GLU A 133 2.25 -3.08 -10.16
CA GLU A 133 3.36 -3.61 -10.95
C GLU A 133 4.11 -2.44 -11.58
N GLN A 134 3.42 -1.43 -12.12
CA GLN A 134 4.12 -0.30 -12.71
C GLN A 134 4.95 0.45 -11.67
N ALA A 135 4.45 0.56 -10.44
CA ALA A 135 5.26 1.21 -9.42
C ALA A 135 6.58 0.44 -9.20
N GLY A 136 6.50 -0.91 -9.17
CA GLY A 136 7.74 -1.73 -9.07
C GLY A 136 8.69 -1.51 -10.22
N ALA A 137 8.11 -1.52 -11.42
CA ALA A 137 8.89 -1.22 -12.59
C ALA A 137 9.63 0.13 -12.49
N THR A 138 8.95 1.17 -12.03
CA THR A 138 9.57 2.46 -11.85
C THR A 138 10.70 2.44 -10.82
N MSE A 139 10.50 1.76 -9.71
CA MSE A 139 11.57 1.58 -8.73
C MSE A 139 12.78 0.91 -9.32
O MSE A 139 13.93 1.30 -9.07
CB MSE A 139 11.04 0.76 -7.56
CG MSE A 139 10.05 1.50 -6.69
SE MSE A 139 9.60 0.31 -5.16
CE MSE A 139 10.69 1.03 -3.73
H MSE A 139 9.76 1.39 -9.49
HA MSE A 139 11.82 2.45 -8.38
HB2 MSE A 139 10.58 -0.02 -7.92
HB3 MSE A 139 11.78 0.49 -7.01
HG2 MSE A 139 10.45 2.31 -6.35
HG3 MSE A 139 9.25 1.69 -7.19
HE1 MSE A 139 10.54 0.52 -2.92
HE2 MSE A 139 11.63 0.98 -3.99
HE3 MSE A 139 10.44 1.96 -3.57
N ALA A 140 12.55 -0.10 -10.14
CA ALA A 140 13.65 -0.79 -10.78
C ALA A 140 14.46 0.13 -11.69
N GLU A 141 13.78 0.98 -12.46
CA GLU A 141 14.50 1.92 -13.33
C GLU A 141 15.28 2.91 -12.48
N THR A 142 14.65 3.41 -11.43
CA THR A 142 15.32 4.34 -10.54
C THR A 142 16.59 3.71 -9.97
N MSE A 143 16.46 2.48 -9.46
CA MSE A 143 17.59 1.79 -8.92
C MSE A 143 18.70 1.51 -9.96
O MSE A 143 19.87 1.70 -9.69
CB MSE A 143 17.13 0.46 -8.28
CG MSE A 143 18.27 -0.29 -7.59
SE MSE A 143 18.77 0.56 -5.91
CE MSE A 143 17.29 0.05 -4.75
H MSE A 143 15.72 2.04 -9.41
HA MSE A 143 17.98 2.33 -8.21
HB2 MSE A 143 16.46 0.65 -7.62
HB3 MSE A 143 16.77 -0.11 -8.98
HG2 MSE A 143 17.98 -1.20 -7.41
HG3 MSE A 143 19.05 -0.30 -8.18
HE1 MSE A 143 17.43 0.43 -3.86
HE2 MSE A 143 16.46 0.41 -5.12
HE3 MSE A 143 17.24 -0.91 -4.68
N GLY A 144 18.30 1.06 -11.14
CA GLY A 144 19.23 0.70 -12.18
C GLY A 144 20.07 1.89 -12.60
N LYS A 145 19.42 3.03 -12.71
CA LYS A 145 20.11 4.28 -13.04
C LYS A 145 21.04 4.66 -11.89
N ALA A 146 20.54 4.61 -10.67
CA ALA A 146 21.34 5.00 -9.51
C ALA A 146 22.59 4.15 -9.32
N LEU A 147 22.49 2.84 -9.59
CA LEU A 147 23.60 1.92 -9.46
C LEU A 147 24.46 1.80 -10.74
N ASN A 148 24.11 2.56 -11.79
CA ASN A 148 24.79 2.42 -13.08
C ASN A 148 24.78 0.95 -13.49
N GLY A 149 23.64 0.30 -13.29
CA GLY A 149 23.43 -1.07 -13.69
C GLY A 149 24.27 -2.14 -12.99
N GLN A 150 24.80 -1.83 -11.80
CA GLN A 150 25.73 -2.69 -11.15
C GLN A 150 25.41 -2.90 -9.67
N GLY A 151 25.32 -4.14 -9.20
CA GLY A 151 25.22 -4.38 -7.77
C GLY A 151 24.22 -5.42 -7.30
N GLU A 152 24.50 -6.02 -6.15
CA GLU A 152 23.55 -6.84 -5.45
C GLU A 152 22.49 -5.98 -4.80
N VAL A 153 21.25 -6.41 -4.89
CA VAL A 153 20.14 -5.74 -4.23
C VAL A 153 19.24 -6.70 -3.47
N ALA A 154 18.54 -6.17 -2.48
CA ALA A 154 17.57 -6.91 -1.67
C ALA A 154 16.21 -6.22 -1.70
N ILE A 155 15.16 -7.04 -1.58
CA ILE A 155 13.78 -6.59 -1.57
C ILE A 155 13.14 -7.02 -0.27
N ILE A 156 12.59 -6.04 0.45
CA ILE A 156 11.93 -6.25 1.75
C ILE A 156 10.46 -6.00 1.54
N THR A 157 9.61 -6.98 1.86
CA THR A 157 8.18 -6.82 1.68
C THR A 157 7.47 -6.93 2.99
N GLY A 158 6.12 -6.90 2.94
CA GLY A 158 5.32 -6.98 4.14
C GLY A 158 4.78 -8.38 4.30
N GLN A 159 3.46 -8.49 4.23
CA GLN A 159 2.81 -9.79 4.28
C GLN A 159 2.91 -10.48 2.89
N LEU A 160 3.30 -11.74 2.92
CA LEU A 160 3.58 -12.49 1.72
C LEU A 160 2.35 -12.76 0.82
N GLY A 161 1.15 -12.59 1.35
CA GLY A 161 -0.06 -12.90 0.60
C GLY A 161 -0.71 -11.71 -0.08
N ALA A 162 -0.15 -10.54 0.16
CA ALA A 162 -0.70 -9.30 -0.37
C ALA A 162 -0.46 -9.13 -1.87
N VAL A 163 -1.55 -8.97 -2.62
CA VAL A 163 -1.47 -8.80 -4.06
C VAL A 163 -0.70 -7.55 -4.47
N ASN A 164 -0.93 -6.43 -3.80
CA ASN A 164 -0.35 -5.21 -4.29
C ASN A 164 1.15 -5.34 -4.06
N LEU A 165 1.54 -5.94 -2.93
CA LEU A 165 2.96 -6.05 -2.58
C LEU A 165 3.63 -7.00 -3.51
N ASN A 166 2.96 -8.11 -3.82
CA ASN A 166 3.57 -9.06 -4.74
C ASN A 166 3.68 -8.53 -6.16
N GLU A 167 2.71 -7.71 -6.59
CA GLU A 167 2.83 -7.04 -7.85
C GLU A 167 4.01 -6.07 -7.89
N ARG A 168 4.22 -5.34 -6.80
CA ARG A 168 5.34 -4.44 -6.71
C ARG A 168 6.63 -5.22 -6.90
N ILE A 169 6.73 -6.34 -6.19
CA ILE A 169 7.93 -7.18 -6.35
C ILE A 169 8.12 -7.69 -7.80
N ALA A 170 7.04 -8.16 -8.41
CA ALA A 170 7.10 -8.61 -9.80
C ALA A 170 7.53 -7.49 -10.75
N GLY A 171 7.05 -6.28 -10.53
CA GLY A 171 7.51 -5.13 -11.30
C GLY A 171 8.99 -4.84 -11.15
N ILE A 172 9.50 -4.89 -9.94
CA ILE A 172 10.92 -4.72 -9.70
C ILE A 172 11.71 -5.80 -10.43
N LYS A 173 11.36 -7.07 -10.25
CA LYS A 173 12.16 -8.14 -10.81
C LYS A 173 12.10 -8.07 -12.36
N LYS A 174 10.94 -7.82 -12.95
CA LYS A 174 10.88 -7.71 -14.41
C LYS A 174 11.70 -6.52 -14.92
N GLY A 175 11.64 -5.38 -14.24
CA GLY A 175 12.40 -4.19 -14.61
C GLY A 175 13.89 -4.38 -14.47
N LEU A 176 14.33 -5.02 -13.38
CA LEU A 176 15.76 -5.25 -13.17
C LEU A 176 16.40 -6.21 -14.17
N ALA A 177 15.57 -7.02 -14.83
CA ALA A 177 16.03 -7.95 -15.84
C ALA A 177 16.75 -7.24 -16.98
N LYS A 178 16.49 -5.96 -17.16
CA LYS A 178 17.20 -5.16 -18.16
C LYS A 178 18.70 -4.91 -17.84
N TYR A 179 19.11 -5.13 -16.59
CA TYR A 179 20.44 -4.78 -16.10
C TYR A 179 21.18 -6.07 -15.73
N PRO A 180 22.07 -6.56 -16.60
CA PRO A 180 22.76 -7.83 -16.33
C PRO A 180 23.66 -7.78 -15.11
N GLY A 181 24.17 -6.60 -14.77
CA GLY A 181 25.08 -6.46 -13.66
C GLY A 181 24.41 -6.33 -12.30
N ILE A 182 23.07 -6.35 -12.27
CA ILE A 182 22.34 -6.34 -11.01
C ILE A 182 21.76 -7.70 -10.71
N LYS A 183 21.88 -8.11 -9.45
CA LYS A 183 21.36 -9.37 -8.99
C LYS A 183 20.55 -9.20 -7.74
N VAL A 184 19.35 -9.72 -7.71
CA VAL A 184 18.53 -9.77 -6.51
C VAL A 184 19.00 -10.94 -5.68
N VAL A 185 19.63 -10.61 -4.56
CA VAL A 185 20.20 -11.66 -3.68
C VAL A 185 19.25 -12.05 -2.54
N GLU A 186 18.20 -11.29 -2.31
CA GLU A 186 17.28 -11.56 -1.22
C GLU A 186 15.94 -10.93 -1.45
N THR A 187 14.90 -11.69 -1.20
CA THR A 187 13.53 -11.16 -1.12
C THR A 187 12.90 -11.76 0.13
N GLN A 188 12.55 -10.93 1.11
CA GLN A 188 12.05 -11.43 2.40
C GLN A 188 10.89 -10.62 2.94
N GLY A 189 9.95 -11.26 3.58
CA GLY A 189 8.81 -10.61 4.18
C GLY A 189 8.98 -10.25 5.66
N THR A 190 8.03 -9.46 6.15
CA THR A 190 8.09 -8.90 7.50
C THR A 190 6.75 -8.84 8.20
N ASP A 191 5.70 -9.17 7.46
N ASP A 191 5.67 -9.20 7.49
CA ASP A 191 4.35 -8.95 7.92
CA ASP A 191 4.26 -8.88 7.82
C ASP A 191 4.21 -7.52 8.43
C ASP A 191 4.04 -7.42 8.20
N ASP A 192 5.06 -6.61 7.94
CA ASP A 192 5.06 -5.21 8.35
C ASP A 192 5.10 -5.09 9.87
N ASP A 193 5.76 -6.02 10.54
CA ASP A 193 6.15 -5.80 11.92
C ASP A 193 7.52 -5.09 11.89
N LEU A 194 7.63 -3.93 12.52
CA LEU A 194 8.86 -3.12 12.48
C LEU A 194 10.02 -3.89 13.09
N ALA A 195 9.79 -4.51 14.24
CA ALA A 195 10.83 -5.29 14.88
C ALA A 195 11.27 -6.42 13.96
N ARG A 196 10.31 -7.05 13.29
CA ARG A 196 10.63 -8.10 12.33
C ARG A 196 11.41 -7.51 11.14
N GLY A 197 10.98 -6.34 10.67
CA GLY A 197 11.72 -5.62 9.63
C GLY A 197 13.17 -5.29 10.00
N VAL A 198 13.39 -4.79 11.22
CA VAL A 198 14.74 -4.56 11.74
C VAL A 198 15.57 -5.86 11.70
N SER A 199 15.00 -6.96 12.22
CA SER A 199 15.70 -8.25 12.23
C SER A 199 16.10 -8.67 10.83
N VAL A 200 15.14 -8.56 9.90
CA VAL A 200 15.40 -8.92 8.52
C VAL A 200 16.47 -8.05 7.91
N VAL A 201 16.37 -6.73 8.08
CA VAL A 201 17.38 -5.86 7.51
C VAL A 201 18.76 -6.12 8.13
N GLU A 202 18.83 -6.25 9.45
CA GLU A 202 20.10 -6.60 10.09
C GLU A 202 20.76 -7.84 9.47
N THR A 203 19.97 -8.91 9.27
CA THR A 203 20.48 -10.14 8.69
C THR A 203 20.95 -9.96 7.24
N THR A 204 20.19 -9.19 6.47
CA THR A 204 20.59 -8.90 5.11
C THR A 204 21.95 -8.23 4.97
N LEU A 205 22.18 -7.20 5.81
CA LEU A 205 23.39 -6.44 5.71
C LEU A 205 24.59 -7.27 6.16
N ARG A 206 24.38 -8.17 7.12
CA ARG A 206 25.46 -9.02 7.58
C ARG A 206 25.86 -10.04 6.53
N ALA A 207 24.84 -10.61 5.85
CA ALA A 207 25.11 -11.62 4.82
C ALA A 207 25.72 -11.04 3.54
N HIS A 208 25.39 -9.79 3.23
CA HIS A 208 25.88 -9.15 2.00
C HIS A 208 26.65 -7.88 2.21
N PRO A 209 27.95 -7.96 2.58
CA PRO A 209 28.67 -6.70 2.83
C PRO A 209 28.88 -5.85 1.57
N ASN A 210 28.73 -6.42 0.39
CA ASN A 210 28.80 -5.68 -0.86
C ASN A 210 27.42 -5.38 -1.47
N LEU A 211 26.38 -5.53 -0.67
CA LEU A 211 25.03 -5.06 -1.06
C LEU A 211 25.12 -3.60 -1.54
N LYS A 212 24.42 -3.27 -2.60
CA LYS A 212 24.45 -1.93 -3.17
C LYS A 212 23.13 -1.25 -3.10
N GLY A 213 22.04 -2.02 -3.02
CA GLY A 213 20.73 -1.42 -2.91
C GLY A 213 19.70 -2.22 -2.15
N ILE A 214 18.71 -1.53 -1.59
CA ILE A 214 17.53 -2.14 -0.97
C ILE A 214 16.26 -1.47 -1.44
N PHE A 215 15.27 -2.28 -1.76
CA PHE A 215 13.89 -1.82 -2.02
C PHE A 215 12.99 -2.20 -0.85
N GLY A 216 12.24 -1.23 -0.32
CA GLY A 216 11.20 -1.52 0.64
C GLY A 216 9.88 -1.30 -0.07
N VAL A 217 9.12 -2.37 -0.33
CA VAL A 217 7.91 -2.24 -1.12
C VAL A 217 6.65 -2.11 -0.23
N SER A 218 6.82 -2.15 1.10
CA SER A 218 5.72 -1.93 2.04
C SER A 218 6.11 -0.81 3.03
N GLN A 219 5.17 -0.31 3.81
CA GLN A 219 5.44 0.94 4.52
C GLN A 219 6.53 0.77 5.58
N VAL A 220 6.76 -0.45 6.09
CA VAL A 220 7.83 -0.70 7.10
C VAL A 220 9.29 -0.73 6.58
N GLY A 221 9.46 -0.86 5.29
CA GLY A 221 10.81 -1.08 4.78
C GLY A 221 11.69 0.13 4.99
N GLY A 222 11.17 1.32 4.69
CA GLY A 222 11.90 2.54 4.93
C GLY A 222 12.29 2.71 6.40
N PRO A 223 11.30 2.69 7.30
CA PRO A 223 11.58 2.88 8.72
C PRO A 223 12.57 1.83 9.24
N ALA A 224 12.47 0.58 8.77
CA ALA A 224 13.39 -0.44 9.28
C ALA A 224 14.83 -0.19 8.80
N VAL A 225 14.99 0.11 7.54
CA VAL A 225 16.32 0.38 7.02
C VAL A 225 16.95 1.59 7.69
N ALA A 226 16.16 2.66 7.89
CA ALA A 226 16.70 3.83 8.52
C ALA A 226 17.05 3.51 9.97
N LYS A 227 16.26 2.69 10.66
CA LYS A 227 16.53 2.39 12.06
C LYS A 227 17.86 1.65 12.16
N VAL A 228 18.07 0.70 11.25
CA VAL A 228 19.24 -0.18 11.32
C VAL A 228 20.50 0.56 10.93
N LEU A 229 20.40 1.40 9.91
CA LEU A 229 21.54 2.21 9.48
C LEU A 229 21.95 3.24 10.52
N ASN A 230 21.05 3.58 11.43
CA ASN A 230 21.34 4.59 12.41
C ASN A 230 21.77 3.93 13.73
N THR A 231 22.63 2.91 13.61
CA THR A 231 23.17 2.21 14.77
C THR A 231 24.67 2.20 14.71
N ARG A 232 25.32 1.87 15.82
CA ARG A 232 26.78 1.78 15.80
C ARG A 232 27.21 0.66 14.83
N GLU A 233 26.60 -0.52 14.96
CA GLU A 233 27.03 -1.67 14.16
C GLU A 233 27.00 -1.42 12.67
N PHE A 234 26.01 -0.69 12.15
CA PHE A 234 25.88 -0.54 10.71
C PHE A 234 26.05 0.88 10.18
N GLY A 235 26.40 1.82 11.06
CA GLY A 235 26.54 3.23 10.71
C GLY A 235 27.39 3.50 9.47
N ALA A 236 28.40 2.67 9.27
CA ALA A 236 29.34 2.90 8.17
C ALA A 236 28.72 2.58 6.81
N MSE A 237 27.55 1.96 6.81
CA MSE A 237 26.80 1.65 5.61
C MSE A 237 26.05 2.89 5.11
O MSE A 237 25.55 2.91 4.00
CB MSE A 237 25.83 0.52 5.91
CG MSE A 237 26.49 -0.70 6.51
SE MSE A 237 26.05 -2.28 5.51
CE MSE A 237 26.59 -1.61 3.77
H MSE A 237 27.15 1.70 7.54
HA MSE A 237 27.41 1.35 4.93
HB2 MSE A 237 25.17 0.83 6.54
HB3 MSE A 237 25.40 0.25 5.08
HG2 MSE A 237 27.46 -0.59 6.49
HG3 MSE A 237 26.19 -0.83 7.42
HE1 MSE A 237 26.43 -2.31 3.10
HE2 MSE A 237 26.06 -0.82 3.56
HE3 MSE A 237 27.53 -1.39 3.79
N LYS A 238 25.97 3.91 5.96
CA LYS A 238 25.29 5.14 5.57
C LYS A 238 25.97 5.74 4.35
N GLY A 239 25.20 6.00 3.29
CA GLY A 239 25.76 6.54 2.05
C GLY A 239 26.28 5.51 1.06
N LYS A 240 26.37 4.28 1.51
CA LYS A 240 26.91 3.20 0.68
C LYS A 240 25.81 2.52 -0.12
N LEU A 241 24.64 2.53 0.44
CA LEU A 241 23.50 1.85 -0.16
C LEU A 241 22.56 2.81 -0.82
N GLU A 242 21.96 2.38 -1.91
CA GLU A 242 20.85 3.07 -2.45
C GLU A 242 19.55 2.43 -1.95
N VAL A 243 18.77 3.20 -1.21
CA VAL A 243 17.57 2.71 -0.57
C VAL A 243 16.34 3.41 -1.14
N LEU A 244 15.43 2.62 -1.67
CA LEU A 244 14.16 3.11 -2.19
C LEU A 244 13.03 2.49 -1.38
N ALA A 245 12.09 3.30 -0.93
CA ALA A 245 11.10 2.82 0.00
C ALA A 245 9.73 3.26 -0.48
N PHE A 246 8.70 2.71 0.16
CA PHE A 246 7.31 3.01 -0.14
C PHE A 246 6.65 3.81 0.98
N ASP A 247 5.80 4.74 0.55
CA ASP A 247 4.90 5.53 1.39
C ASP A 247 5.66 6.64 2.10
N ASP A 248 4.93 7.50 2.80
CA ASP A 248 5.53 8.72 3.35
C ASP A 248 5.27 8.86 4.84
N LEU A 249 5.26 7.72 5.54
CA LEU A 249 5.28 7.70 7.01
C LEU A 249 6.33 8.63 7.57
N PRO A 250 6.05 9.30 8.73
CA PRO A 250 7.03 10.29 9.21
C PRO A 250 8.47 9.76 9.35
N ASP A 251 8.62 8.52 9.77
CA ASP A 251 9.93 7.88 9.89
C ASP A 251 10.65 7.75 8.55
N THR A 252 9.87 7.49 7.51
CA THR A 252 10.39 7.38 6.16
C THR A 252 10.86 8.75 5.63
N LEU A 253 10.01 9.75 5.86
CA LEU A 253 10.38 11.11 5.52
C LEU A 253 11.61 11.55 6.32
N LYS A 254 11.68 11.17 7.60
CA LYS A 254 12.86 11.53 8.39
C LYS A 254 14.08 10.82 7.81
N GLY A 255 13.89 9.57 7.41
CA GLY A 255 15.00 8.85 6.79
C GLY A 255 15.50 9.50 5.52
N LEU A 256 14.57 10.02 4.72
CA LEU A 256 14.90 10.71 3.49
C LEU A 256 15.64 12.04 3.79
N LYS A 257 15.09 12.77 4.75
CA LYS A 257 15.75 13.97 5.28
C LYS A 257 17.19 13.67 5.71
N ASP A 258 17.36 12.61 6.50
CA ASP A 258 18.66 12.26 7.13
C ASP A 258 19.66 11.59 6.20
N GLY A 259 19.23 11.20 5.01
CA GLY A 259 20.13 10.57 4.04
C GLY A 259 20.19 9.06 4.12
N TYR A 260 19.33 8.46 4.93
CA TYR A 260 19.30 7.00 5.08
C TYR A 260 18.45 6.34 3.97
N ILE A 261 17.56 7.12 3.40
CA ILE A 261 16.69 6.73 2.29
C ILE A 261 16.95 7.72 1.16
N GLN A 262 17.05 7.22 -0.07
CA GLN A 262 17.39 8.06 -1.24
C GLN A 262 16.18 8.42 -2.08
N GLY A 263 15.13 7.61 -2.03
CA GLY A 263 13.94 7.88 -2.81
C GLY A 263 12.76 7.16 -2.22
N ILE A 264 11.57 7.73 -2.41
N ILE A 264 11.56 7.72 -2.36
CA ILE A 264 10.32 7.15 -1.90
CA ILE A 264 10.41 6.96 -2.01
C ILE A 264 9.15 7.21 -2.90
C ILE A 264 9.36 7.00 -3.14
N MSE A 265 8.39 6.13 -2.98
CA MSE A 265 7.22 6.08 -3.84
C MSE A 265 6.00 6.41 -2.98
O MSE A 265 5.69 5.63 -2.08
CB MSE A 265 7.06 4.71 -4.50
CG MSE A 265 8.28 4.22 -5.25
SE MSE A 265 8.47 5.25 -6.89
CE MSE A 265 7.04 4.46 -7.95
H MSE A 265 8.53 5.41 -2.53
H MSE A 265 8.38 5.54 -2.34
HA MSE A 265 7.31 6.74 -4.54
HB2 MSE A 265 6.87 4.04 -3.81
HB3 MSE A 265 6.32 4.74 -5.12
HG2 MSE A 265 9.07 4.35 -4.72
HG3 MSE A 265 8.16 3.28 -5.49
HE1 MSE A 265 7.02 4.89 -8.82
HE2 MSE A 265 7.22 3.51 -8.06
HE3 MSE A 265 6.19 4.60 -7.50
N VAL A 266 5.32 7.54 -3.28
CA VAL A 266 4.18 7.98 -2.50
C VAL A 266 2.94 7.76 -3.31
N GLN A 267 2.03 6.94 -2.78
CA GLN A 267 0.75 6.65 -3.40
C GLN A 267 -0.19 7.83 -3.07
N ARG A 268 -1.48 7.72 -3.39
CA ARG A 268 -2.46 8.73 -3.05
C ARG A 268 -3.56 8.14 -2.14
N PRO A 269 -3.21 7.80 -0.88
CA PRO A 269 -4.17 7.13 0.03
C PRO A 269 -5.39 8.01 0.39
N VAL A 270 -5.17 9.33 0.54
CA VAL A 270 -6.26 10.24 0.85
C VAL A 270 -7.26 10.20 -0.29
N THR A 271 -6.76 10.37 -1.52
CA THR A 271 -7.55 10.34 -2.72
C THR A 271 -8.27 8.98 -2.86
N MSE A 272 -7.59 7.88 -2.57
CA MSE A 272 -8.27 6.57 -2.57
C MSE A 272 -9.50 6.56 -1.66
O MSE A 272 -10.57 6.08 -2.06
CB MSE A 272 -7.32 5.44 -2.14
CG MSE A 272 -6.20 5.09 -3.12
SE MSE A 272 -5.17 3.70 -2.26
CE MSE A 272 -3.42 4.20 -2.92
H MSE A 272 -6.76 7.85 -2.37
HA MSE A 272 -8.56 6.39 -3.48
HB2 MSE A 272 -6.91 5.70 -1.30
HB3 MSE A 272 -7.85 4.64 -2.00
HG2 MSE A 272 -6.57 4.75 -3.95
HG3 MSE A 272 -5.64 5.87 -3.27
HE1 MSE A 272 -2.77 3.58 -2.56
HE2 MSE A 272 -3.42 4.17 -3.89
HE3 MSE A 272 -3.22 5.10 -2.62
N GLY A 273 -9.37 7.03 -0.43
CA GLY A 273 -10.48 6.99 0.51
C GLY A 273 -11.61 7.90 0.07
N SER A 274 -11.24 9.07 -0.44
CA SER A 274 -12.23 9.98 -0.95
C SER A 274 -13.03 9.41 -2.12
N LEU A 275 -12.30 8.92 -3.12
CA LEU A 275 -12.94 8.28 -4.27
C LEU A 275 -13.73 7.05 -3.87
N ALA A 276 -13.23 6.29 -2.92
CA ALA A 276 -13.97 5.09 -2.49
C ALA A 276 -15.37 5.47 -2.01
N VAL A 277 -15.46 6.49 -1.15
CA VAL A 277 -16.77 6.90 -0.66
C VAL A 277 -17.63 7.52 -1.77
N ASP A 278 -17.04 8.43 -2.54
CA ASP A 278 -17.75 9.05 -3.64
C ASP A 278 -18.31 8.06 -4.66
N HIS A 279 -17.54 7.04 -5.03
CA HIS A 279 -18.06 6.03 -5.94
C HIS A 279 -19.04 5.08 -5.26
N LEU A 280 -18.86 4.80 -3.98
CA LEU A 280 -19.85 4.01 -3.28
C LEU A 280 -21.19 4.76 -3.32
N VAL A 281 -21.16 6.04 -2.96
CA VAL A 281 -22.38 6.81 -2.91
C VAL A 281 -23.05 6.87 -4.29
N ALA A 282 -22.26 7.08 -5.32
CA ALA A 282 -22.81 7.17 -6.66
C ALA A 282 -23.43 5.84 -7.11
N GLN A 283 -22.84 4.73 -6.70
CA GLN A 283 -23.36 3.41 -7.04
C GLN A 283 -24.64 3.13 -6.27
N ILE A 284 -24.61 3.45 -4.97
CA ILE A 284 -25.77 3.31 -4.11
C ILE A 284 -26.94 4.11 -4.66
N GLN A 285 -26.67 5.32 -5.11
CA GLN A 285 -27.73 6.19 -5.60
C GLN A 285 -28.03 6.00 -7.10
N GLY A 286 -27.49 4.93 -7.69
CA GLY A 286 -27.86 4.53 -9.03
C GLY A 286 -27.46 5.43 -10.19
N GLN A 287 -26.35 6.15 -10.07
CA GLN A 287 -25.89 6.99 -11.17
C GLN A 287 -24.41 6.81 -11.45
N GLU A 288 -23.90 5.63 -11.12
CA GLU A 288 -22.58 5.22 -11.59
C GLU A 288 -22.75 4.32 -12.79
N GLY A 289 -22.87 4.95 -13.96
CA GLY A 289 -22.92 4.24 -15.22
C GLY A 289 -21.64 3.49 -15.52
N GLN A 290 -21.65 2.20 -15.22
CA GLN A 290 -20.55 1.30 -15.55
C GLN A 290 -19.26 1.64 -14.81
N PRO A 291 -19.08 1.05 -13.62
CA PRO A 291 -17.82 1.26 -12.90
C PRO A 291 -16.60 0.85 -13.72
N LYS A 292 -15.47 1.42 -13.37
CA LYS A 292 -14.21 1.25 -14.07
C LYS A 292 -13.10 1.48 -13.06
N ASP A 293 -12.03 0.70 -13.12
CA ASP A 293 -10.89 0.87 -12.23
C ASP A 293 -10.22 2.25 -12.36
N ILE A 294 -9.70 2.76 -11.26
CA ILE A 294 -9.05 4.06 -11.23
C ILE A 294 -7.63 3.90 -10.75
N ASP A 295 -6.69 4.37 -11.57
CA ASP A 295 -5.29 4.45 -11.24
C ASP A 295 -5.04 5.76 -10.53
N THR A 296 -4.89 5.71 -9.21
CA THR A 296 -4.71 6.95 -8.44
C THR A 296 -3.27 7.52 -8.52
N GLY A 297 -2.33 6.76 -9.08
CA GLY A 297 -1.02 7.27 -9.40
C GLY A 297 -0.08 7.28 -8.21
N VAL A 298 1.19 7.55 -8.48
N VAL A 298 1.18 7.53 -8.53
CA VAL A 298 2.24 7.45 -7.46
CA VAL A 298 2.23 7.56 -7.53
C VAL A 298 3.36 8.44 -7.84
C VAL A 298 3.10 8.77 -7.83
N THR A 299 3.86 9.18 -6.84
CA THR A 299 4.84 10.24 -7.04
C THR A 299 6.21 9.72 -6.58
N VAL A 300 7.22 9.82 -7.44
CA VAL A 300 8.60 9.54 -7.06
C VAL A 300 9.12 10.74 -6.26
N VAL A 301 9.44 10.52 -4.98
CA VAL A 301 9.81 11.62 -4.08
C VAL A 301 11.22 11.42 -3.60
N THR A 302 11.99 12.49 -3.72
CA THR A 302 13.34 12.57 -3.16
C THR A 302 13.38 13.74 -2.20
N LYS A 303 14.56 13.95 -1.63
CA LYS A 303 14.77 15.09 -0.74
C LYS A 303 14.34 16.39 -1.41
N ASP A 304 14.45 16.45 -2.73
CA ASP A 304 14.25 17.72 -3.45
C ASP A 304 12.80 18.10 -3.60
N ASN A 305 11.91 17.12 -3.65
CA ASN A 305 10.48 17.43 -3.79
C ASN A 305 9.62 16.87 -2.67
N MSE A 306 10.23 16.68 -1.49
N MSE A 306 10.18 16.77 -1.46
CA MSE A 306 9.53 16.00 -0.40
CA MSE A 306 9.48 16.05 -0.41
C MSE A 306 8.63 16.97 0.35
C MSE A 306 8.45 16.89 0.34
O MSE A 306 8.12 16.67 1.42
O MSE A 306 7.74 16.39 1.20
CB MSE A 306 10.53 15.36 0.58
CB MSE A 306 10.49 15.45 0.59
CG MSE A 306 11.24 16.37 1.45
CG MSE A 306 11.12 16.45 1.53
SE MSE A 306 12.47 15.54 2.71
SE MSE A 306 12.25 15.48 2.78
CE MSE A 306 11.39 14.21 3.63
CE MSE A 306 13.50 16.92 3.15
H MSE A 306 11.02 16.94 -1.31
H MSE A 306 10.95 17.09 -1.24
HA MSE A 306 8.98 15.30 -0.77
HA MSE A 306 9.02 15.29 -0.82
HB2 MSE A 306 10.05 14.74 1.15
HB2 MSE A 306 10.03 14.78 1.13
HB3 MSE A 306 11.20 14.89 0.06
HB3 MSE A 306 11.21 15.03 0.08
HG2 MSE A 306 11.75 16.97 0.90
HG2 MSE A 306 11.68 17.07 1.03
HG3 MSE A 306 10.58 16.86 1.96
HG3 MSE A 306 10.43 16.92 2.02
HE1 MSE A 306 11.94 13.75 4.28
HE1 MSE A 306 14.16 16.59 3.78
HE2 MSE A 306 10.65 14.65 4.06
HE2 MSE A 306 13.93 17.16 2.32
HE3 MSE A 306 11.05 13.58 2.97
HE3 MSE A 306 13.01 17.67 3.52
N THR A 307 8.45 18.15 -0.21
N THR A 307 8.35 18.17 0.01
CA THR A 307 7.66 19.18 0.46
CA THR A 307 7.32 19.01 0.63
C THR A 307 6.39 19.52 -0.34
C THR A 307 6.13 19.31 -0.27
N SER A 308 6.25 18.97 -1.55
CA SER A 308 5.27 19.45 -2.53
C SER A 308 4.41 18.36 -3.15
N TYR A 309 4.68 17.08 -2.86
CA TYR A 309 3.86 16.02 -3.36
C TYR A 309 2.55 16.05 -2.59
N THR A 310 1.52 15.49 -3.19
CA THR A 310 0.22 15.32 -2.51
C THR A 310 -0.30 13.89 -2.69
N LYS A 311 -1.33 13.56 -1.90
CA LYS A 311 -1.81 12.17 -1.74
C LYS A 311 -3.29 11.99 -2.06
O2 64K B . -0.28 0.03 -0.28
C2 64K B . 0.25 -0.63 0.91
C3 64K B . 1.15 0.35 1.61
O3 64K B . 2.35 0.45 0.88
C4 64K B . 1.53 -0.13 3.00
O4 64K B . 2.40 -1.27 2.97
C5 64K B . 0.33 -0.50 3.74
O5 64K B . -0.31 -1.60 3.07
C1 64K B . -0.87 -1.05 1.81
O1 64K B . -1.59 -2.04 1.19
HO2 64K B . -0.80 0.84 0.00
H2 64K B . 0.84 -1.53 0.68
H3 64K B . 0.60 1.28 1.71
HO3 64K B . 2.96 1.10 1.33
H4 64K B . 2.07 0.67 3.51
HO4 64K B . 3.24 -1.05 2.47
H51 64K B . 0.53 -0.96 4.67
H52 64K B . -0.45 0.20 3.76
H1 64K B . -1.50 -0.19 2.05
HO1 64K B . -0.99 -2.81 0.98
CL CL C . 6.60 1.13 10.74
#